data_7LVY
#
_entry.id   7LVY
#
_cell.length_a   111.159
_cell.length_b   61.596
_cell.length_c   78.861
_cell.angle_alpha   90.000
_cell.angle_beta   106.150
_cell.angle_gamma   90.000
#
_symmetry.space_group_name_H-M   'C 1 2 1'
#
loop_
_entity.id
_entity.type
_entity.pdbx_description
1 polymer 'UDP-glycosyltransferase 203A2'
2 non-polymer "URIDINE-5'-DIPHOSPHATE"
3 non-polymer beta-D-glucopyranose
4 water water
#
_entity_poly.entity_id   1
_entity_poly.type   'polypeptide(L)'
_entity_poly.pdbx_seq_one_letter_code
;MRGSHHHHHHGMASMTGGQQMGRDLYDDDDKDHPFMKIFFIPMDAFGHVNACIGLARMLSEFEHQCIFAVPKRWCKPIEE
YNFKVEIVKDPTVPDDQDLQKKNGDFVNRYSHTLSKTPREQFIELLIPSINRDIHYAKIIDGQIPTILESIDPDLIIIDF
YVTLPSVVNSGKPWIHLTSCNPLNLYAGPNVPPSCFGLSIDTDPDTVISYKQFIAESMKDVKSDFDEWLVSKGVKPEPFA
ISKSSPYLNVYSFPSDLDYSEFGPVPDKCFRLDHMVRLVQEDPLGFDEKFFDRPGKKILFSLGSMGAADVELMKRLVGIL
GKSKHLFIVSKGLFHDKYELPENMIGAKFLNQMAILPRVDLVIHHGGNNTFVESLYFGKPSIVLPLFGDQHDNGRRAEDK
KIGRSFRPHHVTEDELLMAIDELLNDKELNNRVLKIGENIRNSKSIDDFNKKIEEIIKVHK
;
_entity_poly.pdbx_strand_id   A
#
# COMPACT_ATOMS: atom_id res chain seq x y z
N LEU A 25 -5.04 -39.25 5.91
CA LEU A 25 -5.19 -40.30 6.95
C LEU A 25 -4.45 -41.56 6.50
N TYR A 26 -4.54 -41.89 5.20
CA TYR A 26 -3.90 -43.12 4.69
C TYR A 26 -2.63 -42.74 3.93
N ASP A 27 -2.23 -41.46 4.00
CA ASP A 27 -0.94 -41.05 3.36
C ASP A 27 0.07 -40.67 4.46
N PRO A 34 6.88 -30.18 3.36
CA PRO A 34 7.19 -29.17 4.41
C PRO A 34 6.21 -27.98 4.35
N PHE A 35 4.91 -28.28 4.42
CA PHE A 35 3.80 -27.30 4.39
C PHE A 35 3.82 -26.54 5.73
N MET A 36 3.22 -25.36 5.79
CA MET A 36 2.96 -24.68 7.06
C MET A 36 1.64 -23.90 6.98
N LYS A 37 1.02 -23.70 8.12
CA LYS A 37 -0.21 -22.90 8.33
C LYS A 37 0.23 -21.45 8.62
N ILE A 38 -0.20 -20.49 7.80
CA ILE A 38 0.27 -19.08 7.89
C ILE A 38 -0.95 -18.20 8.17
N PHE A 39 -0.88 -17.47 9.26
CA PHE A 39 -1.97 -16.60 9.75
C PHE A 39 -1.63 -15.15 9.38
N PHE A 40 -2.45 -14.56 8.51
CA PHE A 40 -2.27 -13.18 7.99
C PHE A 40 -3.21 -12.24 8.74
N ILE A 41 -2.65 -11.14 9.24
CA ILE A 41 -3.46 -10.11 9.94
C ILE A 41 -3.22 -8.77 9.25
N PRO A 42 -4.05 -8.39 8.23
CA PRO A 42 -3.90 -7.09 7.61
C PRO A 42 -4.78 -5.99 8.19
N MET A 43 -4.33 -4.73 8.09
CA MET A 43 -5.21 -3.61 8.50
C MET A 43 -6.39 -3.69 7.51
N ASP A 44 -7.59 -3.29 7.91
CA ASP A 44 -8.78 -3.50 7.05
C ASP A 44 -8.87 -2.49 5.91
N ALA A 45 -7.89 -2.49 5.00
CA ALA A 45 -7.91 -1.58 3.84
C ALA A 45 -7.24 -2.26 2.64
N PHE A 46 -7.64 -1.89 1.43
CA PHE A 46 -7.06 -2.49 0.20
C PHE A 46 -5.54 -2.52 0.19
N GLY A 47 -4.85 -1.46 0.58
CA GLY A 47 -3.39 -1.40 0.39
C GLY A 47 -2.71 -2.47 1.25
N HIS A 48 -3.30 -2.83 2.39
CA HIS A 48 -2.73 -3.90 3.25
C HIS A 48 -3.26 -5.27 2.80
N VAL A 49 -4.57 -5.36 2.54
CA VAL A 49 -5.23 -6.64 2.19
C VAL A 49 -4.59 -7.14 0.89
N ASN A 50 -4.43 -6.27 -0.12
CA ASN A 50 -3.96 -6.72 -1.46
C ASN A 50 -2.50 -7.11 -1.39
N ALA A 51 -1.67 -6.50 -0.57
CA ALA A 51 -0.27 -6.98 -0.41
C ALA A 51 -0.29 -8.34 0.30
N CYS A 52 -1.15 -8.55 1.31
CA CYS A 52 -1.21 -9.88 1.97
C CYS A 52 -1.74 -10.99 1.02
N ILE A 53 -2.76 -10.70 0.22
CA ILE A 53 -3.27 -11.64 -0.79
C ILE A 53 -2.16 -11.98 -1.76
N GLY A 54 -1.36 -11.01 -2.18
CA GLY A 54 -0.24 -11.24 -3.09
C GLY A 54 0.79 -12.14 -2.48
N LEU A 55 1.14 -11.91 -1.22
CA LEU A 55 2.14 -12.83 -0.59
C LEU A 55 1.53 -14.21 -0.39
N ALA A 56 0.28 -14.30 0.06
CA ALA A 56 -0.45 -15.57 0.29
C ALA A 56 -0.51 -16.43 -1.00
N ARG A 57 -0.82 -15.81 -2.14
CA ARG A 57 -0.86 -16.48 -3.48
C ARG A 57 0.54 -17.08 -3.71
N MET A 58 1.57 -16.29 -3.49
CA MET A 58 2.95 -16.78 -3.79
C MET A 58 3.24 -17.94 -2.83
N LEU A 59 2.90 -17.83 -1.55
CA LEU A 59 3.27 -18.88 -0.55
C LEU A 59 2.39 -20.12 -0.77
N SER A 60 1.14 -19.96 -1.26
CA SER A 60 0.23 -21.10 -1.51
C SER A 60 0.79 -21.94 -2.65
N GLU A 61 1.58 -21.39 -3.56
CA GLU A 61 2.20 -22.19 -4.63
C GLU A 61 3.16 -23.20 -4.01
N PHE A 62 3.65 -22.95 -2.79
CA PHE A 62 4.54 -23.89 -2.07
C PHE A 62 3.70 -24.83 -1.20
N GLU A 63 2.37 -24.80 -1.35
CA GLU A 63 1.37 -25.67 -0.65
C GLU A 63 1.18 -25.24 0.82
N HIS A 64 1.59 -24.04 1.22
CA HIS A 64 1.28 -23.49 2.58
C HIS A 64 -0.20 -23.15 2.64
N GLN A 65 -0.87 -23.36 3.77
CA GLN A 65 -2.27 -22.94 4.01
C GLN A 65 -2.26 -21.54 4.63
N CYS A 66 -2.93 -20.59 3.97
CA CYS A 66 -2.93 -19.18 4.44
C CYS A 66 -4.32 -18.82 4.99
N ILE A 67 -4.39 -18.37 6.24
CA ILE A 67 -5.69 -18.01 6.88
C ILE A 67 -5.69 -16.51 7.18
N PHE A 68 -6.80 -15.83 6.90
CA PHE A 68 -6.87 -14.36 7.10
C PHE A 68 -7.79 -13.99 8.26
N ALA A 69 -7.35 -13.07 9.12
CA ALA A 69 -8.16 -12.55 10.23
C ALA A 69 -8.64 -11.17 9.82
N VAL A 70 -9.91 -11.04 9.47
CA VAL A 70 -10.42 -9.81 8.85
C VAL A 70 -11.87 -9.64 9.31
N PRO A 71 -12.41 -8.42 9.20
CA PRO A 71 -13.79 -8.15 9.54
C PRO A 71 -14.74 -8.81 8.55
N LYS A 72 -16.01 -8.86 8.95
CA LYS A 72 -17.05 -9.63 8.20
C LYS A 72 -17.15 -9.15 6.76
N ARG A 73 -17.13 -7.84 6.51
CA ARG A 73 -17.31 -7.29 5.13
C ARG A 73 -16.19 -7.80 4.21
N TRP A 74 -15.05 -8.22 4.77
CA TRP A 74 -13.90 -8.69 3.95
C TRP A 74 -13.87 -10.21 3.82
N CYS A 75 -14.75 -10.94 4.53
CA CYS A 75 -14.66 -12.43 4.54
C CYS A 75 -14.93 -13.07 3.17
N LYS A 76 -16.03 -12.73 2.52
CA LYS A 76 -16.37 -13.39 1.21
C LYS A 76 -15.41 -12.85 0.14
N PRO A 77 -15.10 -11.54 0.04
CA PRO A 77 -14.08 -11.11 -0.92
C PRO A 77 -12.75 -11.87 -0.80
N ILE A 78 -12.23 -12.13 0.41
CA ILE A 78 -10.96 -12.90 0.54
C ILE A 78 -11.20 -14.40 0.26
N GLU A 79 -12.39 -14.89 0.60
CA GLU A 79 -12.77 -16.31 0.31
C GLU A 79 -12.76 -16.55 -1.21
N GLU A 80 -13.04 -15.52 -2.04
CA GLU A 80 -13.02 -15.67 -3.52
C GLU A 80 -11.61 -16.01 -4.03
N TYR A 81 -10.57 -15.79 -3.25
CA TYR A 81 -9.17 -16.17 -3.59
C TYR A 81 -8.77 -17.54 -3.03
N ASN A 82 -9.72 -18.29 -2.45
N ASN A 82 -9.75 -18.17 -2.35
CA ASN A 82 -9.50 -19.63 -1.85
CA ASN A 82 -9.74 -19.55 -1.79
C ASN A 82 -8.47 -19.54 -0.73
C ASN A 82 -8.74 -19.64 -0.62
N PHE A 83 -8.63 -18.55 0.15
CA PHE A 83 -7.98 -18.51 1.47
C PHE A 83 -9.10 -18.67 2.49
N LYS A 84 -8.82 -19.40 3.54
CA LYS A 84 -9.68 -19.49 4.75
C LYS A 84 -9.67 -18.16 5.50
N VAL A 85 -10.85 -17.78 5.99
CA VAL A 85 -11.09 -16.52 6.76
C VAL A 85 -11.57 -16.88 8.17
N GLU A 86 -10.93 -16.28 9.18
CA GLU A 86 -11.39 -16.18 10.59
C GLU A 86 -11.91 -14.75 10.79
N ILE A 87 -13.21 -14.59 11.02
CA ILE A 87 -13.83 -13.26 11.21
C ILE A 87 -13.35 -12.70 12.55
N VAL A 88 -12.94 -11.44 12.54
CA VAL A 88 -12.78 -10.61 13.75
C VAL A 88 -13.92 -9.59 13.79
N LYS A 89 -14.52 -9.42 14.96
CA LYS A 89 -15.58 -8.42 15.22
C LYS A 89 -14.98 -7.02 15.21
N ASP A 90 -15.67 -6.11 14.55
CA ASP A 90 -15.45 -4.66 14.68
C ASP A 90 -16.82 -4.02 14.67
N PRO A 91 -17.43 -3.83 15.87
CA PRO A 91 -18.80 -3.33 15.93
C PRO A 91 -18.90 -1.87 15.49
N THR A 92 -17.77 -1.19 15.26
CA THR A 92 -17.74 0.19 14.74
C THR A 92 -17.90 0.23 13.21
N VAL A 93 -17.95 -0.91 12.53
CA VAL A 93 -18.19 -0.94 11.05
C VAL A 93 -19.21 -2.02 10.75
N PRO A 94 -20.33 -1.69 10.08
CA PRO A 94 -21.33 -2.70 9.70
C PRO A 94 -20.75 -3.90 8.95
N ASP A 95 -21.31 -5.07 9.24
CA ASP A 95 -21.00 -6.39 8.61
C ASP A 95 -21.03 -6.29 7.08
N ASP A 96 -21.97 -5.52 6.52
CA ASP A 96 -22.15 -5.50 5.04
C ASP A 96 -21.79 -4.14 4.42
N GLN A 97 -20.92 -3.38 5.06
CA GLN A 97 -20.57 -2.03 4.53
C GLN A 97 -19.78 -2.20 3.23
N ASP A 98 -19.96 -1.28 2.28
CA ASP A 98 -19.16 -1.32 1.03
C ASP A 98 -17.69 -1.19 1.43
N LEU A 99 -16.80 -1.93 0.76
CA LEU A 99 -15.36 -1.95 1.14
C LEU A 99 -14.73 -0.56 1.03
N GLN A 100 -15.22 0.30 0.14
CA GLN A 100 -14.58 1.63 -0.07
C GLN A 100 -15.20 2.71 0.82
N LYS A 101 -16.28 2.43 1.55
CA LYS A 101 -16.97 3.49 2.33
C LYS A 101 -16.13 3.99 3.51
N LYS A 102 -15.44 3.09 4.22
CA LYS A 102 -14.76 3.52 5.46
C LYS A 102 -13.70 4.56 5.08
N ASN A 103 -12.77 4.21 4.18
CA ASN A 103 -11.67 5.13 3.84
C ASN A 103 -12.23 6.28 2.96
N GLY A 104 -13.21 6.01 2.09
CA GLY A 104 -13.82 7.05 1.26
C GLY A 104 -14.38 8.18 2.11
N ASP A 105 -15.16 7.82 3.14
CA ASP A 105 -15.85 8.80 4.02
C ASP A 105 -14.77 9.58 4.76
N PHE A 106 -13.72 8.87 5.16
CA PHE A 106 -12.61 9.52 5.89
C PHE A 106 -11.97 10.56 5.01
N VAL A 107 -11.58 10.16 3.79
CA VAL A 107 -10.98 11.11 2.81
C VAL A 107 -11.96 12.27 2.50
N ASN A 108 -13.23 12.02 2.30
CA ASN A 108 -14.19 13.14 2.07
C ASN A 108 -14.14 14.07 3.31
N ARG A 109 -14.21 13.52 4.51
CA ARG A 109 -14.26 14.28 5.79
C ARG A 109 -13.00 15.14 5.93
N TYR A 110 -11.84 14.72 5.40
CA TYR A 110 -10.57 15.46 5.54
C TYR A 110 -10.08 16.01 4.19
N SER A 111 -10.98 16.23 3.22
CA SER A 111 -10.60 16.56 1.81
C SER A 111 -9.76 17.84 1.78
N HIS A 112 -10.07 18.81 2.63
CA HIS A 112 -9.40 20.13 2.68
C HIS A 112 -7.90 19.93 2.99
N THR A 113 -7.49 18.83 3.60
CA THR A 113 -6.05 18.64 4.01
C THR A 113 -5.21 18.13 2.84
N LEU A 114 -5.85 17.63 1.77
CA LEU A 114 -5.09 16.84 0.74
C LEU A 114 -4.14 17.72 -0.09
N SER A 115 -4.44 19.02 -0.22
CA SER A 115 -3.65 20.05 -0.94
C SER A 115 -2.59 20.69 -0.06
N LYS A 116 -2.57 20.45 1.26
CA LYS A 116 -1.71 21.22 2.19
C LYS A 116 -0.27 20.69 2.15
N THR A 117 0.70 21.40 2.72
CA THR A 117 2.11 20.92 2.76
C THR A 117 2.18 19.63 3.57
N PRO A 118 3.20 18.78 3.33
CA PRO A 118 3.36 17.55 4.10
C PRO A 118 3.39 17.75 5.64
N ARG A 119 3.94 18.85 6.16
CA ARG A 119 3.90 19.12 7.63
C ARG A 119 2.49 19.44 8.12
N GLU A 120 1.74 20.30 7.44
CA GLU A 120 0.32 20.50 7.80
C GLU A 120 -0.44 19.16 7.72
N GLN A 121 -0.14 18.32 6.74
CA GLN A 121 -0.87 17.04 6.55
C GLN A 121 -0.58 16.11 7.72
N PHE A 122 0.67 16.03 8.14
CA PHE A 122 1.09 15.15 9.26
C PHE A 122 0.15 15.39 10.46
N ILE A 123 -0.07 16.63 10.88
CA ILE A 123 -0.96 16.94 12.03
C ILE A 123 -2.45 16.84 11.62
N GLU A 124 -2.86 17.40 10.49
CA GLU A 124 -4.33 17.56 10.20
C GLU A 124 -4.92 16.30 9.58
N LEU A 125 -4.07 15.39 9.11
CA LEU A 125 -4.57 14.17 8.41
C LEU A 125 -3.91 12.88 8.91
N LEU A 126 -2.57 12.81 8.94
CA LEU A 126 -1.95 11.50 9.29
C LEU A 126 -2.27 11.13 10.75
N ILE A 127 -2.28 12.09 11.69
CA ILE A 127 -2.59 11.76 13.10
C ILE A 127 -4.06 11.34 13.22
N PRO A 128 -5.05 12.11 12.70
CA PRO A 128 -6.42 11.60 12.65
C PRO A 128 -6.52 10.19 12.03
N SER A 129 -5.74 9.92 10.99
CA SER A 129 -5.74 8.61 10.28
C SER A 129 -5.17 7.51 11.19
N ILE A 130 -4.05 7.75 11.87
CA ILE A 130 -3.41 6.71 12.73
C ILE A 130 -4.28 6.50 13.97
N ASN A 131 -5.09 7.49 14.39
CA ASN A 131 -6.05 7.29 15.50
C ASN A 131 -7.02 6.18 15.09
N ARG A 132 -7.35 6.04 13.80
CA ARG A 132 -8.31 5.00 13.38
C ARG A 132 -7.58 3.66 13.30
N ASP A 133 -6.33 3.63 12.84
CA ASP A 133 -5.51 2.40 12.91
C ASP A 133 -5.47 1.88 14.37
N ILE A 134 -5.28 2.77 15.33
CA ILE A 134 -5.06 2.42 16.77
C ILE A 134 -6.39 1.90 17.34
N HIS A 135 -7.50 2.54 16.98
CA HIS A 135 -8.83 2.03 17.40
C HIS A 135 -9.01 0.59 16.90
N TYR A 136 -8.74 0.34 15.62
CA TYR A 136 -8.92 -1.02 15.03
C TYR A 136 -7.99 -2.03 15.70
N ALA A 137 -6.73 -1.66 15.93
CA ALA A 137 -5.76 -2.55 16.63
C ALA A 137 -6.30 -2.96 18.01
N LYS A 138 -6.79 -2.02 18.79
CA LYS A 138 -7.34 -2.36 20.12
C LYS A 138 -8.54 -3.27 19.97
N ILE A 139 -9.43 -2.97 19.00
CA ILE A 139 -10.68 -3.77 18.82
C ILE A 139 -10.34 -5.23 18.49
N ILE A 140 -9.40 -5.46 17.57
CA ILE A 140 -9.10 -6.86 17.17
C ILE A 140 -8.09 -7.53 18.11
N ASP A 141 -7.25 -6.77 18.79
CA ASP A 141 -6.12 -7.38 19.56
C ASP A 141 -6.64 -8.39 20.58
N GLY A 142 -7.71 -8.09 21.29
CA GLY A 142 -8.28 -8.96 22.33
C GLY A 142 -8.94 -10.23 21.77
N GLN A 143 -9.20 -10.28 20.46
CA GLN A 143 -9.81 -11.46 19.77
C GLN A 143 -8.73 -12.41 19.24
N ILE A 144 -7.52 -11.94 18.97
CA ILE A 144 -6.49 -12.73 18.24
C ILE A 144 -6.07 -13.92 19.10
N PRO A 145 -5.79 -13.80 20.43
CA PRO A 145 -5.33 -14.96 21.22
C PRO A 145 -6.23 -16.20 21.14
N THR A 146 -7.55 -16.03 21.12
CA THR A 146 -8.53 -17.12 21.01
C THR A 146 -8.38 -17.75 19.63
N ILE A 147 -8.23 -16.95 18.59
CA ILE A 147 -8.12 -17.53 17.23
C ILE A 147 -6.80 -18.27 17.12
N LEU A 148 -5.72 -17.73 17.70
CA LEU A 148 -4.38 -18.38 17.63
C LEU A 148 -4.44 -19.73 18.34
N GLU A 149 -5.12 -19.81 19.48
CA GLU A 149 -5.27 -21.06 20.25
C GLU A 149 -6.02 -22.10 19.41
N SER A 150 -7.09 -21.69 18.73
CA SER A 150 -7.97 -22.56 17.91
C SER A 150 -7.28 -22.99 16.60
N ILE A 151 -6.70 -22.09 15.81
CA ILE A 151 -6.03 -22.38 14.49
C ILE A 151 -4.65 -22.99 14.72
N ASP A 152 -3.93 -22.57 15.75
CA ASP A 152 -2.54 -22.99 16.02
C ASP A 152 -1.70 -22.89 14.74
N PRO A 153 -1.51 -21.67 14.18
CA PRO A 153 -0.68 -21.49 12.99
C PRO A 153 0.80 -21.65 13.35
N ASP A 154 1.64 -22.01 12.37
CA ASP A 154 3.11 -22.10 12.50
C ASP A 154 3.74 -20.71 12.44
N LEU A 155 3.10 -19.78 11.71
CA LEU A 155 3.69 -18.44 11.38
C LEU A 155 2.58 -17.40 11.37
N ILE A 156 2.88 -16.25 11.94
CA ILE A 156 1.98 -15.06 11.82
C ILE A 156 2.64 -14.03 10.92
N ILE A 157 1.85 -13.45 10.04
CA ILE A 157 2.30 -12.33 9.17
C ILE A 157 1.35 -11.17 9.37
N ILE A 158 1.86 -10.01 9.83
CA ILE A 158 0.96 -8.86 10.10
C ILE A 158 1.34 -7.69 9.19
N ASP A 159 0.32 -7.07 8.59
CA ASP A 159 0.52 -5.86 7.76
C ASP A 159 -0.20 -4.73 8.51
N PHE A 160 0.49 -4.11 9.48
CA PHE A 160 -0.15 -3.08 10.32
C PHE A 160 0.80 -1.90 10.50
N TYR A 161 0.26 -0.72 10.81
CA TYR A 161 1.10 0.50 11.02
C TYR A 161 1.33 0.71 12.53
N VAL A 162 0.73 -0.11 13.39
CA VAL A 162 0.89 -0.02 14.88
C VAL A 162 1.09 -1.42 15.43
N THR A 163 1.73 -1.51 16.60
CA THR A 163 2.05 -2.79 17.29
C THR A 163 0.79 -3.52 17.75
N LEU A 164 0.77 -4.85 17.61
CA LEU A 164 -0.31 -5.74 18.13
C LEU A 164 0.31 -6.57 19.23
N PRO A 165 -0.12 -6.33 20.49
CA PRO A 165 0.36 -7.09 21.65
C PRO A 165 0.07 -8.59 21.58
N SER A 166 -1.11 -8.95 21.03
CA SER A 166 -1.53 -10.35 20.84
C SER A 166 -0.50 -11.06 19.98
N VAL A 167 0.10 -10.39 19.01
CA VAL A 167 1.12 -11.04 18.14
C VAL A 167 2.46 -11.07 18.91
N VAL A 168 2.79 -9.99 19.57
CA VAL A 168 4.11 -9.85 20.27
C VAL A 168 4.21 -10.94 21.35
N ASN A 169 3.10 -11.21 22.02
CA ASN A 169 2.97 -12.09 23.20
C ASN A 169 2.57 -13.51 22.79
N SER A 170 2.45 -13.81 21.48
CA SER A 170 1.84 -15.12 21.05
C SER A 170 2.80 -16.27 21.34
N GLY A 171 4.08 -15.99 21.48
CA GLY A 171 5.11 -17.05 21.51
C GLY A 171 5.32 -17.66 20.15
N LYS A 172 4.64 -17.23 19.11
CA LYS A 172 4.83 -17.81 17.76
C LYS A 172 5.79 -16.90 17.00
N PRO A 173 6.58 -17.42 16.06
CA PRO A 173 7.27 -16.56 15.12
C PRO A 173 6.27 -15.74 14.30
N TRP A 174 6.66 -14.51 14.04
CA TRP A 174 5.80 -13.51 13.34
C TRP A 174 6.70 -12.62 12.52
N ILE A 175 6.13 -12.18 11.40
CA ILE A 175 6.81 -11.38 10.35
C ILE A 175 5.97 -10.15 10.24
N HIS A 176 6.66 -9.01 10.19
CA HIS A 176 5.99 -7.72 9.92
C HIS A 176 6.11 -7.49 8.41
N LEU A 177 4.99 -7.25 7.76
CA LEU A 177 4.89 -7.01 6.32
C LEU A 177 4.71 -5.49 6.11
N THR A 178 5.64 -4.90 5.38
CA THR A 178 5.63 -3.48 4.94
C THR A 178 5.06 -3.43 3.52
N SER A 179 3.83 -2.98 3.38
CA SER A 179 3.18 -2.82 2.04
C SER A 179 3.34 -1.38 1.50
N CYS A 180 3.83 -0.44 2.27
CA CYS A 180 4.01 0.97 1.92
C CYS A 180 5.44 1.15 1.40
N ASN A 181 5.75 2.36 0.92
CA ASN A 181 7.15 2.66 0.51
C ASN A 181 8.04 2.26 1.69
N PRO A 182 9.23 1.67 1.49
CA PRO A 182 10.05 1.16 2.60
C PRO A 182 10.99 2.16 3.29
N LEU A 183 10.93 3.44 2.93
CA LEU A 183 11.85 4.45 3.53
C LEU A 183 11.91 4.28 5.06
N ASN A 184 10.76 4.09 5.72
CA ASN A 184 10.75 3.98 7.21
C ASN A 184 11.69 2.87 7.68
N LEU A 185 11.91 1.80 6.93
CA LEU A 185 12.74 0.66 7.37
C LEU A 185 14.20 1.06 7.44
N TYR A 186 14.58 2.13 6.78
CA TYR A 186 15.99 2.57 6.71
C TYR A 186 16.22 3.54 7.88
N ALA A 187 15.22 3.76 8.73
CA ALA A 187 15.25 4.77 9.79
C ALA A 187 16.57 4.53 10.55
N GLY A 188 17.32 5.60 10.73
CA GLY A 188 18.65 5.55 11.36
C GLY A 188 19.30 6.92 11.31
N PRO A 189 20.51 7.06 11.92
CA PRO A 189 21.24 8.32 11.89
C PRO A 189 21.19 8.89 10.47
N ASN A 190 20.83 10.17 10.32
CA ASN A 190 21.08 10.88 9.03
C ASN A 190 20.13 10.41 7.91
N VAL A 191 19.14 9.58 8.20
CA VAL A 191 18.22 9.14 7.10
C VAL A 191 16.91 9.91 7.25
N PRO A 192 16.39 10.49 6.18
CA PRO A 192 15.15 11.25 6.28
C PRO A 192 14.01 10.37 6.71
N PRO A 193 13.12 10.90 7.59
CA PRO A 193 11.91 10.18 7.96
C PRO A 193 10.96 10.13 6.77
N SER A 194 10.06 9.15 6.78
CA SER A 194 9.10 8.96 5.67
C SER A 194 7.93 9.94 5.78
N CYS A 195 7.11 10.04 4.71
CA CYS A 195 5.85 10.83 4.72
C CYS A 195 6.01 12.31 4.35
N PHE A 196 7.20 12.76 3.95
CA PHE A 196 7.37 14.21 3.65
C PHE A 196 7.91 14.42 2.23
N GLY A 197 8.21 13.35 1.50
CA GLY A 197 8.81 13.49 0.17
C GLY A 197 10.20 14.08 0.24
N LEU A 198 10.91 13.85 1.36
CA LEU A 198 12.24 14.46 1.55
C LEU A 198 13.28 13.92 0.58
N SER A 199 14.18 14.78 0.17
CA SER A 199 15.35 14.45 -0.65
C SER A 199 16.12 13.34 0.07
N ILE A 200 16.70 12.42 -0.71
CA ILE A 200 17.64 11.39 -0.18
C ILE A 200 18.96 12.08 0.20
N ASP A 201 19.13 13.37 -0.11
CA ASP A 201 20.33 14.19 0.15
C ASP A 201 20.13 15.04 1.40
N THR A 202 18.96 15.01 2.03
CA THR A 202 18.60 15.80 3.23
C THR A 202 19.74 15.76 4.26
N ASP A 203 20.23 16.92 4.71
CA ASP A 203 21.40 17.05 5.64
C ASP A 203 20.94 16.67 7.05
N PRO A 204 21.87 16.26 7.95
CA PRO A 204 21.50 15.80 9.29
C PRO A 204 20.67 16.82 10.09
N ASP A 205 20.88 18.13 9.89
CA ASP A 205 20.12 19.20 10.60
C ASP A 205 18.64 19.12 10.23
N THR A 206 18.37 18.96 8.93
CA THR A 206 16.97 18.86 8.45
C THR A 206 16.35 17.55 8.95
N VAL A 207 17.12 16.46 8.95
CA VAL A 207 16.59 15.13 9.38
C VAL A 207 16.13 15.29 10.84
N ILE A 208 16.96 15.91 11.70
CA ILE A 208 16.59 16.05 13.13
C ILE A 208 15.37 16.97 13.29
N SER A 209 15.30 18.00 12.49
CA SER A 209 14.20 18.98 12.53
C SER A 209 12.88 18.23 12.31
N TYR A 210 12.85 17.37 11.30
CA TYR A 210 11.66 16.54 10.93
C TYR A 210 11.39 15.51 12.03
N LYS A 211 12.42 14.86 12.56
CA LYS A 211 12.24 13.88 13.66
C LYS A 211 11.64 14.59 14.86
N GLN A 212 12.13 15.81 15.19
CA GLN A 212 11.58 16.56 16.34
C GLN A 212 10.13 16.95 16.06
N PHE A 213 9.83 17.40 14.85
CA PHE A 213 8.46 17.76 14.45
C PHE A 213 7.53 16.54 14.63
N ILE A 214 7.96 15.38 14.14
CA ILE A 214 7.16 14.12 14.26
C ILE A 214 6.89 13.82 15.74
N ALA A 215 7.95 13.81 16.58
CA ALA A 215 7.87 13.42 18.01
C ALA A 215 6.99 14.37 18.83
N GLU A 216 7.15 15.69 18.65
CA GLU A 216 6.25 16.64 19.31
C GLU A 216 4.82 16.42 18.79
N SER A 217 4.63 16.24 17.48
CA SER A 217 3.26 16.18 16.89
C SER A 217 2.53 14.94 17.43
N MET A 218 3.29 13.85 17.62
N MET A 218 3.27 13.85 17.64
CA MET A 218 2.81 12.49 18.03
CA MET A 218 2.75 12.51 18.06
C MET A 218 2.78 12.28 19.57
C MET A 218 2.71 12.33 19.59
N LYS A 219 3.32 13.22 20.37
CA LYS A 219 3.51 13.02 21.83
C LYS A 219 2.23 12.52 22.55
N ASP A 220 1.05 13.12 22.34
CA ASP A 220 -0.19 12.70 23.06
C ASP A 220 -0.68 11.33 22.58
N VAL A 221 -0.67 11.11 21.27
CA VAL A 221 -1.14 9.84 20.64
C VAL A 221 -0.21 8.70 21.10
N LYS A 222 1.09 8.98 21.07
CA LYS A 222 2.06 7.94 21.45
C LYS A 222 1.92 7.63 22.93
N SER A 223 1.71 8.66 23.75
CA SER A 223 1.61 8.45 25.21
C SER A 223 0.43 7.52 25.46
N ASP A 224 -0.73 7.79 24.86
CA ASP A 224 -1.94 6.97 25.11
C ASP A 224 -1.64 5.55 24.57
N PHE A 225 -1.04 5.44 23.41
CA PHE A 225 -0.81 4.10 22.82
C PHE A 225 0.22 3.32 23.63
N ASP A 226 1.25 3.98 24.16
CA ASP A 226 2.26 3.32 25.01
C ASP A 226 1.60 2.85 26.32
N GLU A 227 0.66 3.59 26.88
CA GLU A 227 -0.05 3.12 28.10
C GLU A 227 -0.77 1.80 27.78
N TRP A 228 -1.39 1.70 26.58
CA TRP A 228 -2.09 0.46 26.16
C TRP A 228 -1.08 -0.69 26.02
N LEU A 229 0.06 -0.48 25.39
CA LEU A 229 1.12 -1.53 25.26
C LEU A 229 1.52 -2.01 26.68
N VAL A 230 1.73 -1.08 27.60
CA VAL A 230 2.20 -1.41 28.98
C VAL A 230 1.10 -2.24 29.65
N SER A 231 -0.19 -1.96 29.37
CA SER A 231 -1.34 -2.63 30.03
C SER A 231 -1.34 -4.07 29.55
N LYS A 232 -0.72 -4.38 28.41
CA LYS A 232 -0.65 -5.77 27.87
C LYS A 232 0.76 -6.36 28.01
N GLY A 233 1.65 -5.78 28.80
CA GLY A 233 2.98 -6.37 29.04
C GLY A 233 3.95 -6.20 27.86
N VAL A 234 3.77 -5.19 27.01
CA VAL A 234 4.69 -4.96 25.86
C VAL A 234 5.47 -3.68 26.13
N LYS A 235 6.77 -3.71 25.86
CA LYS A 235 7.68 -2.57 26.06
C LYS A 235 7.51 -1.62 24.87
N PRO A 236 7.05 -0.37 25.09
CA PRO A 236 6.95 0.61 24.00
C PRO A 236 8.29 0.85 23.28
N GLU A 237 8.20 1.35 22.04
CA GLU A 237 9.34 1.86 21.25
C GLU A 237 9.66 3.29 21.72
N PRO A 238 10.93 3.75 21.69
CA PRO A 238 11.24 5.13 22.05
C PRO A 238 10.53 6.16 21.14
N PHE A 239 10.48 5.94 19.82
CA PHE A 239 9.99 6.91 18.82
C PHE A 239 8.80 6.30 18.06
N ALA A 240 8.95 5.08 17.54
CA ALA A 240 7.94 4.43 16.67
C ALA A 240 6.70 4.01 17.47
N ILE A 241 5.60 3.67 16.79
CA ILE A 241 4.46 2.98 17.45
C ILE A 241 4.17 1.68 16.69
N SER A 242 5.13 1.18 15.91
CA SER A 242 5.10 -0.11 15.18
C SER A 242 6.40 -0.85 15.53
N LYS A 243 6.32 -1.94 16.31
CA LYS A 243 7.52 -2.71 16.67
C LYS A 243 7.96 -3.51 15.45
N SER A 244 9.25 -3.51 15.15
CA SER A 244 9.83 -4.44 14.15
C SER A 244 9.69 -5.87 14.68
N SER A 245 9.49 -6.84 13.80
CA SER A 245 9.60 -8.26 14.16
C SER A 245 11.07 -8.55 14.54
N PRO A 246 11.33 -9.32 15.64
CA PRO A 246 12.71 -9.73 15.94
C PRO A 246 13.06 -10.92 15.03
N TYR A 247 12.09 -11.42 14.27
CA TYR A 247 12.34 -12.61 13.40
C TYR A 247 12.68 -12.16 11.98
N LEU A 248 11.72 -11.52 11.30
CA LEU A 248 11.97 -11.04 9.92
C LEU A 248 10.92 -10.02 9.55
N ASN A 249 11.33 -9.05 8.74
CA ASN A 249 10.49 -7.93 8.27
C ASN A 249 10.52 -7.86 6.74
N VAL A 250 9.39 -8.14 6.11
CA VAL A 250 9.38 -8.36 4.65
C VAL A 250 8.74 -7.12 4.06
N TYR A 251 9.28 -6.60 2.95
CA TYR A 251 8.76 -5.41 2.24
C TYR A 251 8.72 -5.65 0.72
N SER A 252 7.84 -4.87 0.09
CA SER A 252 7.55 -4.94 -1.35
C SER A 252 8.13 -3.68 -2.03
N PHE A 253 9.26 -3.82 -2.70
CA PHE A 253 9.88 -2.73 -3.44
C PHE A 253 10.90 -3.31 -4.42
N PRO A 254 10.88 -2.84 -5.70
CA PRO A 254 11.82 -3.32 -6.70
C PRO A 254 13.27 -3.09 -6.26
N SER A 255 14.14 -4.07 -6.43
CA SER A 255 15.62 -3.93 -6.24
C SER A 255 16.13 -2.68 -6.94
N ASP A 256 15.67 -2.47 -8.16
CA ASP A 256 16.13 -1.33 -9.03
C ASP A 256 15.73 0.01 -8.37
N LEU A 257 14.68 0.06 -7.52
CA LEU A 257 14.18 1.29 -6.82
C LEU A 257 14.65 1.40 -5.37
N ASP A 258 15.19 0.35 -4.79
CA ASP A 258 15.40 0.28 -3.34
C ASP A 258 16.44 1.34 -2.97
N TYR A 259 16.52 1.67 -1.68
CA TYR A 259 17.28 2.83 -1.14
C TYR A 259 18.72 2.41 -0.84
N SER A 260 19.42 1.92 -1.86
CA SER A 260 20.84 1.50 -1.72
C SER A 260 21.73 2.70 -1.37
N GLU A 261 21.24 3.93 -1.57
CA GLU A 261 21.89 5.16 -1.10
C GLU A 261 22.13 5.14 0.41
N PHE A 262 21.33 4.41 1.20
CA PHE A 262 21.34 4.29 2.69
C PHE A 262 21.89 2.92 3.11
N GLY A 263 22.57 2.23 2.20
CA GLY A 263 23.29 0.96 2.44
C GLY A 263 22.49 -0.26 1.99
N PRO A 264 22.88 -1.46 2.48
CA PRO A 264 22.19 -2.68 2.06
C PRO A 264 20.77 -2.78 2.65
N VAL A 265 20.08 -3.81 2.21
CA VAL A 265 18.78 -4.21 2.82
C VAL A 265 18.99 -4.15 4.34
N PRO A 266 18.11 -3.47 5.10
CA PRO A 266 18.31 -3.35 6.55
C PRO A 266 18.31 -4.68 7.32
N ASP A 267 18.96 -4.68 8.50
CA ASP A 267 19.06 -5.84 9.42
C ASP A 267 17.67 -6.42 9.68
N LYS A 268 17.52 -7.76 9.56
CA LYS A 268 16.25 -8.53 9.82
C LYS A 268 15.14 -8.05 8.91
N CYS A 269 15.53 -7.47 7.78
CA CYS A 269 14.58 -7.15 6.68
C CYS A 269 14.86 -8.07 5.49
N PHE A 270 13.81 -8.29 4.69
CA PHE A 270 13.88 -9.13 3.49
C PHE A 270 13.13 -8.41 2.36
N ARG A 271 13.80 -8.14 1.23
CA ARG A 271 13.14 -7.46 0.08
C ARG A 271 12.50 -8.49 -0.87
N LEU A 272 11.19 -8.41 -1.08
CA LEU A 272 10.50 -8.93 -2.30
C LEU A 272 10.37 -7.78 -3.31
N ASP A 273 10.62 -8.04 -4.60
CA ASP A 273 10.53 -7.01 -5.66
C ASP A 273 9.07 -6.55 -5.80
N HIS A 274 8.14 -7.41 -5.41
CA HIS A 274 6.68 -7.13 -5.54
C HIS A 274 5.87 -8.10 -4.66
N MET A 275 4.59 -7.78 -4.47
CA MET A 275 3.61 -8.70 -3.87
C MET A 275 2.35 -8.63 -4.72
N VAL A 276 2.52 -8.61 -6.04
CA VAL A 276 1.37 -8.47 -6.99
C VAL A 276 0.56 -9.75 -6.95
N ARG A 277 -0.71 -9.64 -6.59
CA ARG A 277 -1.59 -10.83 -6.47
C ARG A 277 -1.72 -11.51 -7.84
N LEU A 278 -1.82 -10.73 -8.93
CA LEU A 278 -2.06 -11.28 -10.30
C LEU A 278 -3.53 -11.72 -10.38
N VAL A 279 -3.98 -12.52 -9.42
CA VAL A 279 -5.41 -12.94 -9.38
C VAL A 279 -6.29 -11.74 -8.99
N GLN A 280 -7.36 -11.49 -9.73
CA GLN A 280 -8.35 -10.45 -9.36
C GLN A 280 -9.67 -10.94 -9.98
N GLU A 281 -10.63 -11.33 -9.14
CA GLU A 281 -11.87 -11.95 -9.69
C GLU A 281 -13.00 -10.92 -9.77
N ASP A 282 -12.67 -9.64 -9.63
CA ASP A 282 -13.69 -8.57 -9.73
C ASP A 282 -14.11 -8.32 -11.18
N PRO A 283 -15.35 -7.85 -11.50
CA PRO A 283 -15.67 -7.44 -12.85
C PRO A 283 -14.65 -6.43 -13.41
N LEU A 284 -14.55 -6.28 -14.73
CA LEU A 284 -13.65 -5.28 -15.36
C LEU A 284 -14.04 -3.89 -14.83
N GLY A 285 -15.34 -3.63 -14.84
CA GLY A 285 -15.87 -2.32 -14.40
C GLY A 285 -16.60 -1.66 -15.55
N PHE A 286 -16.27 -2.06 -16.78
CA PHE A 286 -16.83 -1.39 -17.99
C PHE A 286 -16.77 -2.36 -19.18
N ASP A 287 -17.39 -2.00 -20.29
CA ASP A 287 -17.37 -2.87 -21.51
C ASP A 287 -15.95 -2.94 -22.07
N GLU A 288 -15.49 -4.16 -22.37
CA GLU A 288 -14.11 -4.39 -22.89
C GLU A 288 -13.96 -3.78 -24.29
N LYS A 289 -15.08 -3.41 -24.92
CA LYS A 289 -15.09 -2.83 -26.28
C LYS A 289 -14.32 -1.49 -26.31
N PHE A 290 -14.15 -0.85 -25.16
CA PHE A 290 -13.39 0.44 -25.10
C PHE A 290 -11.98 0.19 -25.63
N PHE A 291 -11.42 -0.99 -25.36
CA PHE A 291 -10.04 -1.31 -25.80
C PHE A 291 -9.96 -1.33 -27.33
N ASP A 292 -11.08 -1.59 -28.01
CA ASP A 292 -11.11 -1.58 -29.50
C ASP A 292 -11.02 -0.15 -30.03
N ARG A 293 -11.36 0.86 -29.21
CA ARG A 293 -11.20 2.26 -29.66
C ARG A 293 -9.74 2.52 -29.92
N PRO A 294 -9.38 3.17 -31.05
CA PRO A 294 -7.99 3.40 -31.41
C PRO A 294 -7.41 4.59 -30.63
N GLY A 295 -6.19 4.45 -30.13
CA GLY A 295 -5.51 5.54 -29.40
C GLY A 295 -4.70 4.97 -28.25
N LYS A 296 -3.75 5.74 -27.77
CA LYS A 296 -2.98 5.37 -26.54
C LYS A 296 -3.95 5.33 -25.35
N LYS A 297 -3.74 4.33 -24.47
CA LYS A 297 -4.67 4.05 -23.35
C LYS A 297 -3.94 4.41 -22.06
N ILE A 298 -4.65 5.11 -21.17
CA ILE A 298 -4.11 5.53 -19.86
C ILE A 298 -5.06 5.12 -18.74
N LEU A 299 -4.50 4.40 -17.78
CA LEU A 299 -5.24 4.12 -16.52
C LEU A 299 -5.05 5.30 -15.59
N PHE A 300 -6.16 5.92 -15.16
CA PHE A 300 -6.11 7.04 -14.18
C PHE A 300 -6.76 6.56 -12.88
N SER A 301 -5.94 6.13 -11.91
CA SER A 301 -6.47 5.65 -10.61
C SER A 301 -5.75 6.35 -9.45
N LEU A 302 -6.50 6.93 -8.51
CA LEU A 302 -5.87 7.55 -7.30
C LEU A 302 -5.93 6.52 -6.17
N GLY A 303 -6.08 5.25 -6.50
CA GLY A 303 -6.08 4.18 -5.48
C GLY A 303 -7.49 3.81 -5.06
N SER A 304 -7.63 3.22 -3.88
CA SER A 304 -8.96 2.79 -3.41
C SER A 304 -9.68 3.92 -2.65
N MET A 305 -9.05 5.07 -2.41
CA MET A 305 -9.74 6.10 -1.57
C MET A 305 -9.46 7.53 -2.06
N GLY A 306 -8.54 7.72 -2.98
CA GLY A 306 -8.14 9.06 -3.43
C GLY A 306 -9.25 9.74 -4.21
N ALA A 307 -10.02 9.00 -4.99
CA ALA A 307 -11.07 9.57 -5.86
C ALA A 307 -12.26 10.08 -5.03
N ALA A 308 -12.22 9.84 -3.72
CA ALA A 308 -13.23 10.37 -2.77
C ALA A 308 -13.12 11.90 -2.62
N ASP A 309 -12.03 12.51 -3.09
CA ASP A 309 -11.92 13.99 -3.28
C ASP A 309 -12.59 14.35 -4.62
N VAL A 310 -13.93 14.50 -4.63
CA VAL A 310 -14.71 14.68 -5.88
C VAL A 310 -14.19 15.91 -6.63
N GLU A 311 -13.93 16.99 -5.89
CA GLU A 311 -13.56 18.27 -6.53
C GLU A 311 -12.21 18.11 -7.22
N LEU A 312 -11.26 17.39 -6.64
CA LEU A 312 -9.99 17.11 -7.33
C LEU A 312 -10.25 16.29 -8.60
N MET A 313 -11.05 15.22 -8.51
CA MET A 313 -11.35 14.34 -9.67
C MET A 313 -12.02 15.17 -10.78
N LYS A 314 -12.90 16.10 -10.45
CA LYS A 314 -13.59 16.92 -11.49
C LYS A 314 -12.54 17.83 -12.14
N ARG A 315 -11.59 18.32 -11.33
CA ARG A 315 -10.52 19.18 -11.88
C ARG A 315 -9.63 18.35 -12.81
N LEU A 316 -9.17 17.19 -12.36
CA LEU A 316 -8.21 16.40 -13.18
C LEU A 316 -8.95 15.87 -14.45
N VAL A 317 -10.17 15.38 -14.32
CA VAL A 317 -10.96 14.94 -15.51
C VAL A 317 -11.13 16.09 -16.51
N GLY A 318 -11.40 17.32 -16.09
CA GLY A 318 -11.51 18.48 -16.98
C GLY A 318 -10.21 18.71 -17.74
N ILE A 319 -9.04 18.56 -17.11
CA ILE A 319 -7.73 18.68 -17.81
C ILE A 319 -7.58 17.54 -18.80
N LEU A 320 -7.78 16.29 -18.35
CA LEU A 320 -7.49 15.09 -19.17
C LEU A 320 -8.49 15.04 -20.36
N GLY A 321 -9.67 15.63 -20.21
CA GLY A 321 -10.66 15.72 -21.31
C GLY A 321 -10.11 16.49 -22.50
N LYS A 322 -9.06 17.29 -22.29
CA LYS A 322 -8.40 18.04 -23.38
C LYS A 322 -7.31 17.21 -24.06
N SER A 323 -7.01 16.02 -23.54
CA SER A 323 -5.90 15.19 -24.03
C SER A 323 -6.44 14.37 -25.18
N LYS A 324 -5.62 14.00 -26.16
CA LYS A 324 -6.12 13.28 -27.37
C LYS A 324 -6.16 11.78 -27.08
N HIS A 325 -5.69 11.37 -25.90
CA HIS A 325 -5.59 9.96 -25.52
C HIS A 325 -6.89 9.48 -24.86
N LEU A 326 -6.95 8.19 -24.58
CA LEU A 326 -8.12 7.50 -24.02
C LEU A 326 -7.81 7.15 -22.55
N PHE A 327 -8.75 7.40 -21.65
CA PHE A 327 -8.53 7.22 -20.19
C PHE A 327 -9.57 6.24 -19.66
N ILE A 328 -9.07 5.33 -18.84
CA ILE A 328 -9.90 4.44 -18.00
C ILE A 328 -9.77 4.97 -16.58
N VAL A 329 -10.90 5.27 -15.97
CA VAL A 329 -10.89 5.98 -14.67
C VAL A 329 -11.49 5.15 -13.54
N SER A 330 -10.66 4.97 -12.47
CA SER A 330 -11.10 4.47 -11.14
C SER A 330 -11.81 5.62 -10.38
N LYS A 331 -13.15 5.66 -10.50
CA LYS A 331 -13.94 6.85 -10.16
C LYS A 331 -14.25 6.92 -8.66
N GLY A 332 -14.24 5.78 -7.95
CA GLY A 332 -14.36 5.70 -6.48
C GLY A 332 -15.76 5.93 -5.93
N LEU A 333 -15.83 6.10 -4.62
CA LEU A 333 -17.07 6.00 -3.80
C LEU A 333 -18.14 6.96 -4.32
N PHE A 334 -17.74 8.17 -4.72
CA PHE A 334 -18.67 9.26 -5.16
C PHE A 334 -18.74 9.33 -6.70
N HIS A 335 -18.55 8.20 -7.39
CA HIS A 335 -18.59 8.13 -8.88
C HIS A 335 -19.92 8.69 -9.40
N ASP A 336 -21.01 8.60 -8.63
CA ASP A 336 -22.34 9.03 -9.15
C ASP A 336 -22.50 10.56 -9.10
N LYS A 337 -21.50 11.28 -8.62
CA LYS A 337 -21.59 12.75 -8.45
C LYS A 337 -20.85 13.48 -9.59
N TYR A 338 -20.26 12.79 -10.56
CA TYR A 338 -19.47 13.48 -11.62
C TYR A 338 -19.42 12.61 -12.87
N GLU A 339 -19.30 13.27 -14.02
CA GLU A 339 -19.28 12.65 -15.38
C GLU A 339 -17.88 12.70 -15.97
N LEU A 340 -17.55 11.70 -16.78
CA LEU A 340 -16.31 11.63 -17.59
C LEU A 340 -16.63 12.15 -18.97
N PRO A 341 -15.69 12.84 -19.62
CA PRO A 341 -15.85 13.22 -21.02
C PRO A 341 -15.75 12.00 -21.95
N GLU A 342 -16.01 12.21 -23.25
CA GLU A 342 -16.13 11.09 -24.23
C GLU A 342 -14.82 10.35 -24.52
N ASN A 343 -13.66 10.91 -24.16
CA ASN A 343 -12.40 10.15 -24.41
C ASN A 343 -12.12 9.21 -23.22
N MET A 344 -13.11 8.97 -22.37
CA MET A 344 -12.89 8.27 -21.08
C MET A 344 -13.99 7.27 -20.81
N ILE A 345 -13.63 6.23 -20.08
CA ILE A 345 -14.61 5.33 -19.46
C ILE A 345 -14.20 5.07 -18.00
N GLY A 346 -15.18 4.75 -17.16
CA GLY A 346 -14.82 4.35 -15.80
C GLY A 346 -15.94 3.72 -15.04
N ALA A 347 -15.68 3.50 -13.76
CA ALA A 347 -16.56 2.79 -12.78
C ALA A 347 -16.02 3.05 -11.40
N LYS A 348 -16.86 2.80 -10.39
CA LYS A 348 -16.54 2.97 -8.96
C LYS A 348 -15.20 2.28 -8.69
N PHE A 349 -15.06 1.03 -9.14
CA PHE A 349 -13.90 0.16 -8.79
C PHE A 349 -13.59 -0.71 -10.01
N LEU A 350 -12.33 -0.83 -10.38
CA LEU A 350 -11.94 -1.57 -11.60
C LEU A 350 -11.15 -2.85 -11.29
N ASN A 351 -11.11 -3.76 -12.30
CA ASN A 351 -10.19 -4.92 -12.31
C ASN A 351 -8.82 -4.41 -12.76
N GLN A 352 -8.03 -3.92 -11.80
CA GLN A 352 -6.74 -3.26 -12.19
C GLN A 352 -5.77 -4.33 -12.74
N MET A 353 -5.81 -5.57 -12.25
CA MET A 353 -4.90 -6.64 -12.76
C MET A 353 -5.22 -6.87 -14.24
N ALA A 354 -6.51 -6.75 -14.62
CA ALA A 354 -6.96 -6.95 -16.02
C ALA A 354 -6.53 -5.75 -16.87
N ILE A 355 -6.52 -4.54 -16.32
CA ILE A 355 -6.34 -3.30 -17.12
C ILE A 355 -4.84 -3.03 -17.36
N LEU A 356 -4.02 -3.20 -16.36
CA LEU A 356 -2.64 -2.68 -16.42
C LEU A 356 -1.93 -3.14 -17.66
N PRO A 357 -1.99 -4.43 -18.02
CA PRO A 357 -1.24 -4.91 -19.18
C PRO A 357 -1.72 -4.35 -20.52
N ARG A 358 -2.90 -3.73 -20.52
CA ARG A 358 -3.53 -3.25 -21.78
C ARG A 358 -3.47 -1.72 -21.90
N VAL A 359 -2.78 -1.02 -21.00
CA VAL A 359 -2.62 0.45 -21.14
C VAL A 359 -1.15 0.75 -21.44
N ASP A 360 -0.87 2.01 -21.77
CA ASP A 360 0.47 2.53 -22.18
C ASP A 360 1.12 3.34 -21.04
N LEU A 361 0.31 3.83 -20.11
CA LEU A 361 0.74 4.77 -19.08
C LEU A 361 -0.25 4.73 -17.93
N VAL A 362 0.26 4.91 -16.71
CA VAL A 362 -0.63 4.99 -15.53
C VAL A 362 -0.47 6.37 -14.89
N ILE A 363 -1.59 6.97 -14.52
CA ILE A 363 -1.65 8.20 -13.68
C ILE A 363 -2.23 7.80 -12.34
N HIS A 364 -1.41 7.82 -11.30
CA HIS A 364 -1.81 7.29 -9.97
C HIS A 364 -1.35 8.24 -8.86
N HIS A 365 -1.64 7.88 -7.61
CA HIS A 365 -1.36 8.76 -6.45
C HIS A 365 -0.06 8.37 -5.79
N GLY A 366 0.70 7.42 -6.31
CA GLY A 366 1.93 6.98 -5.60
C GLY A 366 1.64 5.94 -4.50
N GLY A 367 0.42 5.47 -4.36
CA GLY A 367 0.11 4.29 -3.52
C GLY A 367 1.11 3.16 -3.83
N ASN A 368 1.70 2.47 -2.83
CA ASN A 368 2.87 1.59 -3.09
C ASN A 368 2.43 0.33 -3.87
N ASN A 369 1.18 -0.10 -3.71
CA ASN A 369 0.64 -1.25 -4.51
C ASN A 369 0.48 -0.82 -5.98
N THR A 370 -0.17 0.32 -6.19
CA THR A 370 -0.41 0.79 -7.59
C THR A 370 0.93 1.09 -8.27
N PHE A 371 1.86 1.68 -7.54
CA PHE A 371 3.16 2.11 -8.08
C PHE A 371 3.87 0.86 -8.56
N VAL A 372 3.97 -0.13 -7.69
CA VAL A 372 4.72 -1.36 -8.03
C VAL A 372 3.93 -2.22 -9.05
N GLU A 373 2.62 -2.24 -9.01
CA GLU A 373 1.82 -2.97 -10.03
C GLU A 373 2.12 -2.41 -11.43
N SER A 374 2.18 -1.07 -11.54
CA SER A 374 2.47 -0.34 -12.79
C SER A 374 3.83 -0.79 -13.33
N LEU A 375 4.84 -0.88 -12.48
CA LEU A 375 6.20 -1.27 -12.92
C LEU A 375 6.27 -2.76 -13.25
N TYR A 376 5.53 -3.61 -12.52
CA TYR A 376 5.48 -5.06 -12.75
C TYR A 376 5.09 -5.26 -14.24
N PHE A 377 4.15 -4.45 -14.70
CA PHE A 377 3.64 -4.54 -16.08
C PHE A 377 4.46 -3.65 -17.02
N GLY A 378 5.52 -2.99 -16.55
CA GLY A 378 6.47 -2.26 -17.41
C GLY A 378 5.89 -0.95 -17.94
N LYS A 379 5.10 -0.26 -17.13
CA LYS A 379 4.40 0.97 -17.54
C LYS A 379 5.01 2.16 -16.82
N PRO A 380 5.27 3.29 -17.54
CA PRO A 380 5.73 4.52 -16.90
C PRO A 380 4.56 5.14 -16.13
N SER A 381 4.84 6.12 -15.27
CA SER A 381 3.74 6.64 -14.42
C SER A 381 3.75 8.15 -14.23
N ILE A 382 2.56 8.74 -14.07
CA ILE A 382 2.49 10.16 -13.66
C ILE A 382 2.05 10.02 -12.20
N VAL A 383 2.84 10.54 -11.25
CA VAL A 383 2.51 10.33 -9.82
C VAL A 383 1.93 11.62 -9.25
N LEU A 384 0.73 11.56 -8.67
CA LEU A 384 0.07 12.75 -8.07
C LEU A 384 -0.14 12.45 -6.58
N PRO A 385 0.90 12.48 -5.70
CA PRO A 385 0.71 12.08 -4.31
C PRO A 385 -0.35 12.87 -3.55
N LEU A 386 -1.17 12.17 -2.78
CA LEU A 386 -2.14 12.83 -1.89
C LEU A 386 -1.54 13.04 -0.48
N PHE A 387 -1.00 12.00 0.16
CA PHE A 387 -0.53 12.03 1.55
C PHE A 387 0.41 10.87 1.85
N GLY A 388 1.09 11.03 2.99
CA GLY A 388 1.92 9.98 3.61
C GLY A 388 3.01 9.49 2.69
N ASP A 389 3.20 8.17 2.61
CA ASP A 389 4.28 7.48 1.83
C ASP A 389 4.14 7.76 0.33
N GLN A 390 2.97 8.19 -0.13
CA GLN A 390 2.80 8.57 -1.54
C GLN A 390 3.84 9.61 -1.94
N HIS A 391 4.08 10.59 -1.06
CA HIS A 391 5.06 11.67 -1.33
C HIS A 391 6.43 11.04 -1.59
N ASP A 392 6.73 9.94 -0.88
CA ASP A 392 8.08 9.33 -1.03
C ASP A 392 8.17 8.57 -2.36
N ASN A 393 7.02 8.04 -2.84
CA ASN A 393 7.00 7.39 -4.17
C ASN A 393 6.98 8.47 -5.28
N GLY A 394 6.32 9.61 -5.06
CA GLY A 394 6.50 10.84 -5.91
C GLY A 394 7.95 11.18 -6.13
N ARG A 395 8.71 11.22 -5.03
CA ARG A 395 10.13 11.61 -5.07
C ARG A 395 10.91 10.53 -5.81
N ARG A 396 10.64 9.27 -5.48
CA ARG A 396 11.33 8.12 -6.09
C ARG A 396 11.12 8.04 -7.59
N ALA A 397 9.91 8.32 -8.13
CA ALA A 397 9.59 8.24 -9.58
C ALA A 397 10.49 9.21 -10.34
N GLU A 398 10.69 10.43 -9.79
CA GLU A 398 11.54 11.50 -10.34
C GLU A 398 13.01 11.09 -10.17
N ASP A 399 13.40 10.56 -9.04
CA ASP A 399 14.85 10.31 -8.73
C ASP A 399 15.37 9.18 -9.60
N LYS A 400 14.54 8.18 -9.90
CA LYS A 400 14.94 6.98 -10.68
C LYS A 400 14.53 7.12 -12.17
N LYS A 401 13.98 8.26 -12.57
CA LYS A 401 13.67 8.52 -14.00
C LYS A 401 12.74 7.44 -14.56
N ILE A 402 11.63 7.17 -13.87
CA ILE A 402 10.62 6.19 -14.31
C ILE A 402 9.26 6.84 -14.40
N GLY A 403 9.21 8.16 -14.21
CA GLY A 403 7.92 8.86 -14.31
C GLY A 403 8.13 10.32 -14.01
N ARG A 404 7.04 11.02 -13.80
CA ARG A 404 6.99 12.47 -13.53
C ARG A 404 6.00 12.61 -12.40
N SER A 405 6.29 13.52 -11.46
CA SER A 405 5.50 13.73 -10.21
C SER A 405 5.06 15.17 -10.09
N PHE A 406 3.86 15.39 -9.59
CA PHE A 406 3.28 16.72 -9.43
C PHE A 406 2.29 16.63 -8.28
N ARG A 407 1.94 17.76 -7.70
CA ARG A 407 0.89 17.86 -6.68
C ARG A 407 -0.45 17.96 -7.43
N PRO A 408 -1.42 17.03 -7.26
CA PRO A 408 -2.66 17.04 -8.07
C PRO A 408 -3.49 18.33 -8.01
N HIS A 409 -3.55 18.98 -6.84
CA HIS A 409 -4.41 20.18 -6.67
C HIS A 409 -3.80 21.40 -7.38
N HIS A 410 -2.48 21.44 -7.55
CA HIS A 410 -1.82 22.62 -8.15
C HIS A 410 -1.33 22.39 -9.60
N VAL A 411 -1.10 21.14 -10.01
CA VAL A 411 -0.54 20.83 -11.35
C VAL A 411 -1.34 21.65 -12.39
N THR A 412 -0.65 22.29 -13.33
CA THR A 412 -1.33 23.14 -14.36
C THR A 412 -1.77 22.23 -15.50
N GLU A 413 -2.80 22.62 -16.25
CA GLU A 413 -3.14 21.94 -17.53
C GLU A 413 -1.90 21.63 -18.35
N ASP A 414 -1.06 22.59 -18.63
CA ASP A 414 0.07 22.35 -19.55
C ASP A 414 1.04 21.34 -18.96
N GLU A 415 1.43 21.47 -17.70
CA GLU A 415 2.40 20.50 -17.11
C GLU A 415 1.85 19.08 -17.26
N LEU A 416 0.58 18.86 -16.93
CA LEU A 416 0.04 17.49 -16.88
C LEU A 416 -0.09 16.91 -18.30
N LEU A 417 -0.66 17.67 -19.25
CA LEU A 417 -0.88 17.18 -20.64
C LEU A 417 0.47 17.00 -21.33
N MET A 418 1.42 17.88 -21.08
CA MET A 418 2.72 17.80 -21.79
C MET A 418 3.53 16.67 -21.19
N ALA A 419 3.31 16.36 -19.93
CA ALA A 419 4.09 15.28 -19.27
C ALA A 419 3.56 13.95 -19.78
N ILE A 420 2.25 13.86 -20.03
CA ILE A 420 1.64 12.64 -20.63
C ILE A 420 2.31 12.38 -22.00
N ASP A 421 2.33 13.35 -22.93
CA ASP A 421 2.99 13.18 -24.25
C ASP A 421 4.50 12.89 -24.12
N GLU A 422 5.17 13.60 -23.23
CA GLU A 422 6.62 13.41 -23.01
C GLU A 422 6.84 11.93 -22.67
N LEU A 423 6.16 11.39 -21.65
CA LEU A 423 6.42 9.99 -21.22
C LEU A 423 6.00 8.96 -22.28
N LEU A 424 4.88 9.17 -22.97
CA LEU A 424 4.43 8.23 -24.00
C LEU A 424 5.49 8.15 -25.12
N ASN A 425 6.21 9.22 -25.41
CA ASN A 425 7.11 9.31 -26.57
C ASN A 425 8.58 9.19 -26.14
N ASP A 426 8.89 8.86 -24.89
CA ASP A 426 10.31 8.84 -24.41
C ASP A 426 10.80 7.39 -24.48
N LYS A 427 11.47 7.00 -25.56
CA LYS A 427 11.85 5.60 -25.85
C LYS A 427 12.84 5.18 -24.75
N GLU A 428 13.71 6.07 -24.31
CA GLU A 428 14.75 5.68 -23.33
C GLU A 428 14.05 5.37 -22.00
N LEU A 429 13.13 6.22 -21.57
CA LEU A 429 12.45 5.97 -20.27
C LEU A 429 11.54 4.74 -20.41
N ASN A 430 10.82 4.55 -21.52
CA ASN A 430 10.03 3.30 -21.68
C ASN A 430 10.94 2.07 -21.65
N ASN A 431 12.10 2.08 -22.29
CA ASN A 431 12.99 0.89 -22.23
C ASN A 431 13.45 0.65 -20.78
N ARG A 432 13.71 1.72 -20.04
CA ARG A 432 14.12 1.68 -18.62
C ARG A 432 13.04 0.95 -17.80
N VAL A 433 11.78 1.35 -17.94
CA VAL A 433 10.67 0.78 -17.14
C VAL A 433 10.38 -0.65 -17.63
N LEU A 434 10.54 -0.96 -18.93
CA LEU A 434 10.36 -2.35 -19.41
C LEU A 434 11.38 -3.26 -18.76
N LYS A 435 12.63 -2.83 -18.71
CA LYS A 435 13.69 -3.66 -18.08
C LYS A 435 13.42 -3.82 -16.56
N ILE A 436 12.99 -2.74 -15.89
CA ILE A 436 12.56 -2.87 -14.47
C ILE A 436 11.41 -3.89 -14.39
N GLY A 437 10.38 -3.78 -15.22
CA GLY A 437 9.29 -4.76 -15.23
C GLY A 437 9.81 -6.20 -15.33
N GLU A 438 10.71 -6.50 -16.27
CA GLU A 438 11.30 -7.85 -16.47
C GLU A 438 12.03 -8.29 -15.21
N ASN A 439 12.91 -7.45 -14.68
CA ASN A 439 13.60 -7.73 -13.39
C ASN A 439 12.59 -8.04 -12.26
N ILE A 440 11.48 -7.30 -12.17
CA ILE A 440 10.48 -7.51 -11.09
C ILE A 440 9.84 -8.88 -11.32
N ARG A 441 9.37 -9.12 -12.56
CA ARG A 441 8.53 -10.32 -12.84
C ARG A 441 9.39 -11.57 -12.74
N ASN A 442 10.63 -11.49 -13.13
CA ASN A 442 11.56 -12.64 -13.14
C ASN A 442 12.34 -12.80 -11.82
N SER A 443 12.12 -11.98 -10.79
CA SER A 443 12.82 -12.16 -9.49
C SER A 443 12.37 -13.48 -8.82
N LYS A 444 13.36 -14.23 -8.32
CA LYS A 444 13.14 -15.54 -7.64
C LYS A 444 13.32 -15.34 -6.11
N SER A 445 13.17 -14.12 -5.58
CA SER A 445 13.38 -13.81 -4.14
C SER A 445 12.38 -14.54 -3.24
N ILE A 446 11.12 -14.74 -3.68
CA ILE A 446 10.12 -15.56 -2.93
C ILE A 446 10.72 -16.92 -2.59
N ASP A 447 11.54 -17.53 -3.44
CA ASP A 447 12.17 -18.84 -3.13
C ASP A 447 13.09 -18.69 -1.89
N ASP A 448 13.88 -17.62 -1.79
CA ASP A 448 14.80 -17.41 -0.63
C ASP A 448 13.96 -17.03 0.59
N PHE A 449 12.88 -16.31 0.37
CA PHE A 449 11.97 -15.99 1.47
C PHE A 449 11.45 -17.29 2.06
N ASN A 450 11.00 -18.21 1.20
CA ASN A 450 10.36 -19.47 1.66
C ASN A 450 11.40 -20.25 2.50
N LYS A 451 12.65 -20.34 2.05
CA LYS A 451 13.75 -21.01 2.82
C LYS A 451 13.92 -20.32 4.17
N LYS A 452 13.95 -18.99 4.24
CA LYS A 452 14.08 -18.30 5.55
C LYS A 452 12.93 -18.65 6.48
N ILE A 453 11.69 -18.56 6.07
CA ILE A 453 10.59 -18.78 7.03
C ILE A 453 10.62 -20.25 7.51
N GLU A 454 11.05 -21.19 6.68
CA GLU A 454 11.18 -22.62 7.09
C GLU A 454 12.26 -22.73 8.18
N GLU A 455 13.40 -22.04 8.07
CA GLU A 455 14.48 -22.12 9.08
C GLU A 455 13.96 -21.51 10.38
N ILE A 456 13.11 -20.49 10.29
CA ILE A 456 12.58 -19.81 11.51
C ILE A 456 11.59 -20.75 12.20
N ILE A 457 10.65 -21.33 11.46
CA ILE A 457 9.59 -22.22 12.04
C ILE A 457 10.24 -23.46 12.69
N LYS A 458 11.32 -23.96 12.10
CA LYS A 458 11.91 -25.23 12.62
C LYS A 458 12.33 -25.04 14.08
N VAL A 459 13.02 -23.95 14.40
CA VAL A 459 13.42 -23.64 15.82
C VAL A 459 12.26 -23.15 16.69
N HIS A 460 11.38 -22.28 16.17
CA HIS A 460 10.34 -21.63 17.01
C HIS A 460 8.94 -22.20 16.79
N LYS A 461 8.27 -22.70 17.84
CA LYS A 461 6.92 -23.33 17.73
C LYS A 461 6.10 -22.96 18.99
#